data_5U5F
#
_entry.id   5U5F
#
_cell.length_a   53.430
_cell.length_b   105.380
_cell.length_c   117.000
_cell.angle_alpha   90.00
_cell.angle_beta   90.00
_cell.angle_gamma   90.00
#
_symmetry.space_group_name_H-M   'P 21 21 21'
#
loop_
_entity.id
_entity.type
_entity.pdbx_description
1 polymer 'MEMAB TRASTUZUMAB FAB LIGHT CHAIN I83E'
2 polymer 'MEMAB TRASTUZUMAB FAB HEAVY CHAIN'
3 polymer 'Protein L'
4 polymer '5-DIPHENYL LONG MEDITOPE'
5 polymer 'Immunoglobulin G binding protein A'
6 non-polymer MESO-ERYTHRITOL
7 water water
#
loop_
_entity_poly.entity_id
_entity_poly.type
_entity_poly.pdbx_seq_one_letter_code
_entity_poly.pdbx_strand_id
1 'polypeptide(L)'
;DIQMTQSPILLSASVGDRVTITCRASQDVNTAVAWYQQRTNGSPRLLIYSASFLYSGVPSRFSGSRSGTDFTLTISSLQP
EDEADYYCQQHYTTPPTFGAGTKVEIKRTVAAPSVFIFPPSDEQLKSGTASVVCLLNNFYPREAKVQWKVDNALQSGNSQ
ESVTEQDSKDSTYSLSSTLTLSKADYEKHKVYACEVTHQGLSSPVTKSFNRGEC
;
A
2 'polypeptide(L)'
;EVQLVESGGGLVQPGGSLRLSCAASGFNIKDTYIHWVRQSPGKGLEWVARIYPTNGYTRYADSVKGRFTISADTSKNTAY
LQMNSLRAEDTAIYYCSRWGGDGFYAMDYWGQGTLVTVSSASTKGPSVFPLAPSSKSTSGGTAALGCLVKDYFPEPVTVS
WNSGALTSGVHTFPAVLQSSGLYSLSSVVTVPSSSLGTQTYICNVNHKPSNTKVDKKVEPKSC
;
B
3 'polypeptide(L)' SGSEVTIKVNLIFADGKIQTAEFKGTFEEATAEAYRYAALLAKVNGEYTADLEDGGNHMNIKFAG E
4 'polypeptide(L)' (ACE)CQFD(2GX)STRRLRCGGSK D
5 'polypeptide(L)' GSYNKDQQSAFYEILNMPNLNEAQRNGFIQSLKDDPSQSTNVLGEAKKLNESQA C
#
loop_
_chem_comp.id
_chem_comp.type
_chem_comp.name
_chem_comp.formula
ACE non-polymer 'ACETYL GROUP' 'C2 H4 O'
MRY non-polymer MESO-ERYTHRITOL 'C4 H10 O4'
#
# COMPACT_ATOMS: atom_id res chain seq x y z
N ASP A 1 9.64 -10.70 22.33
CA ASP A 1 9.67 -10.57 20.88
C ASP A 1 10.95 -9.86 20.43
N ILE A 2 11.28 -9.97 19.14
CA ILE A 2 12.45 -9.30 18.59
C ILE A 2 11.99 -8.17 17.69
N GLN A 3 12.61 -7.02 17.88
CA GLN A 3 12.30 -5.81 17.13
C GLN A 3 13.31 -5.66 16.00
N MET A 4 12.85 -5.30 14.81
CA MET A 4 13.72 -5.03 13.67
C MET A 4 13.62 -3.55 13.32
N THR A 5 14.72 -2.83 13.43
CA THR A 5 14.69 -1.39 13.18
C THR A 5 15.38 -1.05 11.87
N GLN A 6 14.64 -0.49 10.93
CA GLN A 6 15.17 -0.14 9.62
C GLN A 6 15.48 1.33 9.46
N SER A 7 16.62 1.61 8.83
N SER A 7 16.61 1.63 8.83
CA SER A 7 17.07 2.98 8.55
CA SER A 7 16.96 3.01 8.54
C SER A 7 17.68 3.05 7.15
C SER A 7 17.72 3.09 7.21
N PRO A 8 17.57 4.22 6.49
CA PRO A 8 16.69 5.34 6.84
C PRO A 8 15.26 4.96 6.50
N ILE A 9 14.27 5.80 6.76
CA ILE A 9 12.90 5.47 6.39
CA ILE A 9 12.89 5.49 6.41
C ILE A 9 12.65 5.78 4.92
N LEU A 10 13.46 6.69 4.39
CA LEU A 10 13.34 7.15 3.00
C LEU A 10 14.72 7.43 2.47
N LEU A 11 15.00 6.98 1.24
CA LEU A 11 16.28 7.21 0.59
C LEU A 11 16.01 7.54 -0.87
N SER A 12 16.59 8.62 -1.36
CA SER A 12 16.39 9.04 -2.75
C SER A 12 17.75 9.12 -3.44
N ALA A 13 17.85 8.46 -4.59
CA ALA A 13 19.15 8.37 -5.24
C ALA A 13 18.99 8.30 -6.74
N SER A 14 20.05 8.62 -7.46
CA SER A 14 20.03 8.63 -8.91
C SER A 14 20.23 7.23 -9.50
N VAL A 15 19.69 7.02 -10.69
CA VAL A 15 19.91 5.78 -11.42
C VAL A 15 21.40 5.53 -11.56
N GLY A 16 21.83 4.29 -11.33
CA GLY A 16 23.24 3.97 -11.43
C GLY A 16 24.02 4.11 -10.12
N ASP A 17 23.43 4.79 -9.14
CA ASP A 17 24.05 5.00 -7.82
C ASP A 17 24.08 3.73 -6.99
N ARG A 18 25.03 3.66 -6.05
CA ARG A 18 25.05 2.60 -5.05
CA ARG A 18 25.03 2.59 -5.06
C ARG A 18 24.26 3.03 -3.82
N VAL A 19 23.25 2.25 -3.43
CA VAL A 19 22.50 2.60 -2.24
C VAL A 19 22.52 1.50 -1.19
N THR A 20 22.50 1.93 0.08
CA THR A 20 22.61 1.00 1.19
C THR A 20 21.52 1.27 2.21
N ILE A 21 20.79 0.21 2.57
CA ILE A 21 19.81 0.39 3.63
CA ILE A 21 19.70 0.26 3.55
C ILE A 21 20.09 -0.62 4.72
N THR A 22 19.63 -0.29 5.93
CA THR A 22 20.05 -1.05 7.09
C THR A 22 18.89 -1.55 7.94
N CYS A 23 19.18 -2.57 8.72
CA CYS A 23 18.18 -3.20 9.58
C CYS A 23 18.87 -3.72 10.82
N ARG A 24 18.38 -3.36 12.00
CA ARG A 24 19.04 -3.77 13.23
C ARG A 24 18.07 -4.63 14.07
N ALA A 25 18.53 -5.80 14.50
CA ALA A 25 17.72 -6.65 15.37
C ALA A 25 17.94 -6.28 16.83
N SER A 26 16.89 -6.36 17.64
CA SER A 26 17.00 -5.95 19.05
C SER A 26 17.77 -6.96 19.88
N GLN A 27 17.98 -8.15 19.33
CA GLN A 27 18.83 -9.15 19.96
C GLN A 27 19.32 -10.11 18.88
N ASP A 28 20.25 -10.99 19.24
CA ASP A 28 20.82 -11.95 18.29
C ASP A 28 19.75 -12.67 17.48
N VAL A 29 19.89 -12.66 16.15
CA VAL A 29 19.02 -13.43 15.26
C VAL A 29 19.87 -14.31 14.34
N ASN A 30 21.14 -14.50 14.71
CA ASN A 30 22.05 -15.27 13.89
C ASN A 30 22.06 -14.65 12.49
N THR A 31 21.89 -15.47 11.45
CA THR A 31 21.80 -14.95 10.08
C THR A 31 20.36 -15.03 9.55
N ALA A 32 19.40 -15.27 10.45
CA ALA A 32 18.04 -15.58 10.03
C ALA A 32 17.24 -14.35 9.63
N VAL A 33 17.75 -13.61 8.66
CA VAL A 33 17.11 -12.36 8.21
C VAL A 33 16.89 -12.40 6.70
N ALA A 34 15.68 -12.03 6.27
CA ALA A 34 15.34 -11.97 4.86
C ALA A 34 15.00 -10.53 4.49
N TRP A 35 15.17 -10.20 3.20
CA TRP A 35 14.81 -8.89 2.68
C TRP A 35 13.78 -9.05 1.60
N TYR A 36 12.72 -8.24 1.69
CA TYR A 36 11.64 -8.27 0.72
C TYR A 36 11.51 -6.92 0.02
N GLN A 37 11.11 -6.97 -1.24
CA GLN A 37 10.80 -5.78 -2.01
C GLN A 37 9.29 -5.71 -2.22
N GLN A 38 8.71 -4.53 -2.11
CA GLN A 38 7.30 -4.38 -2.46
C GLN A 38 7.15 -3.23 -3.45
N ARG A 39 6.77 -3.55 -4.68
CA ARG A 39 6.57 -2.53 -5.70
C ARG A 39 5.13 -2.08 -5.68
N THR A 40 4.85 -0.97 -6.36
CA THR A 40 3.49 -0.42 -6.36
C THR A 40 2.48 -1.49 -6.82
N ASN A 41 1.37 -1.59 -6.09
CA ASN A 41 0.29 -2.55 -6.36
C ASN A 41 0.67 -4.01 -6.14
N GLY A 42 1.84 -4.27 -5.55
CA GLY A 42 2.34 -5.63 -5.46
C GLY A 42 2.36 -6.26 -4.07
N SER A 43 2.74 -7.53 -4.04
CA SER A 43 2.94 -8.26 -2.79
C SER A 43 4.43 -8.26 -2.46
N PRO A 44 4.78 -8.54 -1.20
CA PRO A 44 6.20 -8.66 -0.88
C PRO A 44 6.89 -9.75 -1.70
N ARG A 45 8.08 -9.43 -2.21
CA ARG A 45 8.83 -10.39 -3.02
C ARG A 45 10.21 -10.62 -2.40
N LEU A 46 10.59 -11.89 -2.27
CA LEU A 46 11.86 -12.22 -1.61
C LEU A 46 13.07 -11.85 -2.49
N LEU A 47 14.01 -11.10 -1.91
CA LEU A 47 15.26 -10.74 -2.57
C LEU A 47 16.45 -11.53 -2.01
N ILE A 48 16.60 -11.46 -0.69
N ILE A 48 16.61 -11.47 -0.69
CA ILE A 48 17.75 -12.01 0.03
CA ILE A 48 17.76 -12.05 -0.01
C ILE A 48 17.24 -12.86 1.19
C ILE A 48 17.28 -12.85 1.20
N TYR A 49 17.84 -14.03 1.42
CA TYR A 49 17.49 -14.83 2.60
C TYR A 49 18.77 -15.21 3.34
N SER A 50 18.61 -15.60 4.60
CA SER A 50 19.75 -15.93 5.46
C SER A 50 20.87 -14.87 5.39
N ALA A 51 20.45 -13.60 5.45
CA ALA A 51 21.31 -12.41 5.51
C ALA A 51 22.04 -12.06 4.21
N SER A 52 22.52 -13.05 3.47
CA SER A 52 23.43 -12.73 2.37
C SER A 52 23.24 -13.53 1.09
N PHE A 53 22.19 -14.34 1.02
CA PHE A 53 22.03 -15.19 -0.16
C PHE A 53 20.91 -14.70 -1.08
N LEU A 54 21.27 -14.60 -2.35
CA LEU A 54 20.38 -14.09 -3.37
C LEU A 54 19.37 -15.15 -3.78
N TYR A 55 18.10 -14.78 -3.73
CA TYR A 55 17.04 -15.68 -4.16
C TYR A 55 17.10 -15.80 -5.67
N SER A 56 16.71 -16.97 -6.20
N SER A 56 16.70 -16.97 -6.19
CA SER A 56 16.78 -17.22 -7.64
CA SER A 56 16.72 -17.23 -7.63
C SER A 56 16.03 -16.17 -8.43
C SER A 56 16.01 -16.15 -8.42
N GLY A 57 16.64 -15.70 -9.51
CA GLY A 57 16.04 -14.70 -10.38
C GLY A 57 16.20 -13.26 -9.96
N VAL A 58 16.76 -13.03 -8.77
CA VAL A 58 17.01 -11.67 -8.31
C VAL A 58 18.32 -11.14 -8.92
N PRO A 59 18.29 -9.91 -9.45
CA PRO A 59 19.49 -9.34 -10.11
C PRO A 59 20.69 -9.33 -9.18
N SER A 60 21.87 -9.60 -9.72
CA SER A 60 23.08 -9.68 -8.90
C SER A 60 23.50 -8.31 -8.32
N ARG A 61 22.86 -7.24 -8.73
CA ARG A 61 23.14 -5.94 -8.13
C ARG A 61 22.62 -5.82 -6.70
N PHE A 62 21.76 -6.76 -6.29
CA PHE A 62 21.35 -6.85 -4.89
C PHE A 62 22.34 -7.69 -4.10
N SER A 63 22.67 -7.24 -2.89
CA SER A 63 23.52 -8.02 -2.01
C SER A 63 23.14 -7.71 -0.57
N GLY A 64 23.46 -8.63 0.33
CA GLY A 64 23.14 -8.45 1.73
C GLY A 64 24.33 -8.81 2.58
N SER A 65 24.44 -8.21 3.76
N SER A 65 24.42 -8.21 3.76
CA SER A 65 25.52 -8.55 4.67
CA SER A 65 25.53 -8.46 4.68
C SER A 65 25.05 -8.49 6.12
C SER A 65 25.06 -8.45 6.14
N ARG A 66 25.79 -9.15 7.01
CA ARG A 66 25.49 -9.13 8.44
C ARG A 66 26.71 -8.76 9.25
N SER A 67 26.51 -7.92 10.26
CA SER A 67 27.56 -7.64 11.25
C SER A 67 26.93 -7.62 12.64
N GLY A 68 27.04 -8.75 13.35
CA GLY A 68 26.41 -8.88 14.66
C GLY A 68 24.91 -8.83 14.48
N THR A 69 24.26 -7.82 15.04
CA THR A 69 22.80 -7.68 14.91
C THR A 69 22.46 -6.61 13.90
N ASP A 70 23.46 -6.19 13.13
CA ASP A 70 23.24 -5.20 12.06
C ASP A 70 23.24 -5.86 10.69
N PHE A 71 22.21 -5.55 9.89
CA PHE A 71 22.06 -6.14 8.57
C PHE A 71 21.99 -5.05 7.53
N THR A 72 22.61 -5.26 6.37
CA THR A 72 22.55 -4.28 5.31
C THR A 72 22.09 -4.87 4.00
N LEU A 73 21.31 -4.10 3.26
N LEU A 73 21.28 -4.12 3.27
CA LEU A 73 20.95 -4.44 1.89
CA LEU A 73 20.98 -4.47 1.89
C LEU A 73 21.56 -3.40 0.97
C LEU A 73 21.62 -3.40 1.01
N THR A 74 22.32 -3.85 -0.03
CA THR A 74 22.96 -2.92 -0.95
C THR A 74 22.47 -3.18 -2.37
N ILE A 75 22.12 -2.09 -3.07
CA ILE A 75 21.91 -2.17 -4.51
C ILE A 75 23.08 -1.44 -5.17
N SER A 76 23.87 -2.15 -5.96
CA SER A 76 25.15 -1.64 -6.42
C SER A 76 25.01 -0.59 -7.54
N SER A 77 23.88 -0.65 -8.25
CA SER A 77 23.63 0.22 -9.39
C SER A 77 22.13 0.39 -9.55
N LEU A 78 21.59 1.40 -8.88
CA LEU A 78 20.15 1.60 -8.78
C LEU A 78 19.47 1.72 -10.14
N GLN A 79 18.40 0.94 -10.33
CA GLN A 79 17.65 0.97 -11.58
C GLN A 79 16.26 1.52 -11.33
N PRO A 80 15.63 2.08 -12.38
CA PRO A 80 14.29 2.65 -12.24
C PRO A 80 13.31 1.65 -11.62
N GLU A 81 13.43 0.38 -11.98
CA GLU A 81 12.51 -0.64 -11.48
C GLU A 81 12.78 -1.05 -10.03
N ASP A 82 13.81 -0.47 -9.43
CA ASP A 82 14.14 -0.74 -8.03
C ASP A 82 13.38 0.20 -7.11
N GLU A 83 12.70 1.16 -7.72
CA GLU A 83 11.82 2.05 -6.99
C GLU A 83 10.74 1.22 -6.29
N ALA A 84 10.75 1.21 -4.96
CA ALA A 84 9.95 0.27 -4.18
C ALA A 84 10.21 0.50 -2.69
N ASP A 85 9.47 -0.25 -1.88
CA ASP A 85 9.74 -0.31 -0.44
C ASP A 85 10.49 -1.59 -0.13
N TYR A 86 11.39 -1.54 0.84
CA TYR A 86 12.19 -2.71 1.21
C TYR A 86 11.99 -3.01 2.67
N TYR A 87 11.77 -4.31 2.98
CA TYR A 87 11.49 -4.76 4.34
C TYR A 87 12.45 -5.87 4.78
N CYS A 88 12.97 -5.78 6.00
CA CYS A 88 13.70 -6.91 6.56
C CYS A 88 12.79 -7.71 7.50
N GLN A 89 13.14 -8.97 7.73
CA GLN A 89 12.34 -9.88 8.55
C GLN A 89 13.25 -10.87 9.25
N GLN A 90 13.12 -11.04 10.56
CA GLN A 90 13.83 -12.12 11.24
C GLN A 90 12.91 -13.32 11.43
N HIS A 91 13.48 -14.52 11.30
CA HIS A 91 12.73 -15.75 11.57
C HIS A 91 13.45 -16.57 12.65
N TYR A 92 14.28 -15.92 13.45
CA TYR A 92 15.06 -16.64 14.45
C TYR A 92 14.20 -17.15 15.59
N THR A 93 13.27 -16.31 16.03
CA THR A 93 12.35 -16.68 17.11
C THR A 93 10.93 -16.34 16.69
N THR A 94 9.99 -17.12 17.22
CA THR A 94 8.57 -16.84 17.04
C THR A 94 8.13 -15.78 18.03
N PRO A 95 7.37 -14.78 17.58
CA PRO A 95 6.86 -14.53 16.21
C PRO A 95 7.92 -13.99 15.28
N PRO A 96 7.89 -14.43 14.01
CA PRO A 96 8.72 -13.72 13.04
C PRO A 96 8.30 -12.28 12.99
N THR A 97 9.24 -11.36 12.85
CA THR A 97 8.90 -9.95 12.84
C THR A 97 9.56 -9.20 11.70
N PHE A 98 8.89 -8.14 11.26
CA PHE A 98 9.31 -7.32 10.12
C PHE A 98 9.74 -5.94 10.55
N GLY A 99 10.68 -5.35 9.79
CA GLY A 99 11.01 -3.96 9.98
C GLY A 99 9.89 -3.09 9.43
N ALA A 100 9.93 -1.80 9.76
CA ALA A 100 8.93 -0.83 9.30
C ALA A 100 9.08 -0.39 7.83
N GLY A 101 10.18 -0.79 7.20
CA GLY A 101 10.36 -0.54 5.77
C GLY A 101 11.22 0.68 5.46
N THR A 102 11.85 0.65 4.29
CA THR A 102 12.54 1.81 3.76
C THR A 102 12.03 2.07 2.36
N LYS A 103 11.57 3.29 2.11
CA LYS A 103 11.11 3.68 0.78
C LYS A 103 12.29 4.19 -0.02
N VAL A 104 12.45 3.64 -1.22
CA VAL A 104 13.55 4.04 -2.09
C VAL A 104 12.99 4.71 -3.33
N GLU A 105 13.38 5.97 -3.54
CA GLU A 105 12.91 6.77 -4.67
C GLU A 105 14.04 7.07 -5.64
N ILE A 106 13.64 7.39 -6.86
CA ILE A 106 14.59 7.73 -7.91
C ILE A 106 14.68 9.24 -8.09
N LYS A 107 15.92 9.74 -8.05
CA LYS A 107 16.20 11.14 -8.42
C LYS A 107 16.29 11.28 -9.92
N ARG A 108 15.74 12.38 -10.44
CA ARG A 108 15.84 12.70 -11.85
C ARG A 108 15.77 14.21 -12.02
N THR A 109 15.84 14.66 -13.27
CA THR A 109 15.80 16.09 -13.55
C THR A 109 14.42 16.69 -13.28
N VAL A 110 14.40 17.98 -13.01
CA VAL A 110 13.14 18.70 -12.77
C VAL A 110 12.31 18.68 -14.05
N ALA A 111 11.01 18.44 -13.91
CA ALA A 111 10.07 18.51 -15.04
C ALA A 111 8.81 19.22 -14.57
N ALA A 112 8.38 20.25 -15.30
CA ALA A 112 7.18 21.01 -14.94
C ALA A 112 5.94 20.20 -15.32
N PRO A 113 4.84 20.36 -14.56
CA PRO A 113 3.63 19.59 -14.91
C PRO A 113 2.89 20.15 -16.10
N SER A 114 2.19 19.26 -16.81
N SER A 114 2.17 19.28 -16.81
CA SER A 114 1.13 19.67 -17.70
CA SER A 114 1.15 19.74 -17.73
C SER A 114 -0.10 19.89 -16.82
C SER A 114 -0.13 19.86 -16.92
N VAL A 115 -0.75 21.05 -16.93
CA VAL A 115 -1.87 21.35 -16.05
C VAL A 115 -3.16 21.45 -16.82
N PHE A 116 -4.15 20.67 -16.37
CA PHE A 116 -5.45 20.57 -17.05
C PHE A 116 -6.60 20.69 -16.05
N ILE A 117 -7.78 21.07 -16.54
CA ILE A 117 -8.91 21.20 -15.65
C ILE A 117 -10.16 20.63 -16.31
N PHE A 118 -10.99 19.98 -15.50
CA PHE A 118 -12.21 19.31 -15.94
C PHE A 118 -13.41 19.82 -15.16
N PRO A 119 -14.37 20.48 -15.83
CA PRO A 119 -15.63 20.82 -15.15
C PRO A 119 -16.36 19.56 -14.68
N PRO A 120 -17.35 19.72 -13.80
CA PRO A 120 -18.21 18.57 -13.48
C PRO A 120 -18.90 18.07 -14.75
N SER A 121 -19.10 16.77 -14.86
CA SER A 121 -19.88 16.26 -16.00
C SER A 121 -21.35 16.67 -15.88
N ASP A 122 -22.01 16.84 -17.03
CA ASP A 122 -23.45 17.06 -17.01
C ASP A 122 -24.15 15.91 -16.28
N GLU A 123 -23.65 14.70 -16.49
CA GLU A 123 -24.20 13.53 -15.83
CA GLU A 123 -24.18 13.52 -15.83
C GLU A 123 -24.20 13.67 -14.31
N GLN A 124 -23.06 14.09 -13.73
CA GLN A 124 -22.99 14.28 -12.28
C GLN A 124 -23.92 15.41 -11.82
N LEU A 125 -24.00 16.46 -12.63
CA LEU A 125 -24.82 17.62 -12.31
C LEU A 125 -26.31 17.27 -12.24
N LYS A 126 -26.73 16.18 -12.88
CA LYS A 126 -28.13 15.74 -12.76
C LYS A 126 -28.47 15.42 -11.31
N SER A 127 -27.48 14.95 -10.56
CA SER A 127 -27.60 14.76 -9.12
C SER A 127 -27.26 16.07 -8.40
N GLY A 128 -27.07 16.00 -7.09
CA GLY A 128 -26.90 17.22 -6.30
C GLY A 128 -25.48 17.65 -6.01
N THR A 129 -24.50 17.04 -6.69
CA THR A 129 -23.11 17.35 -6.39
C THR A 129 -22.28 17.64 -7.64
N ALA A 130 -21.24 18.45 -7.46
CA ALA A 130 -20.32 18.84 -8.53
C ALA A 130 -18.87 18.61 -8.11
N SER A 131 -18.13 17.87 -8.92
CA SER A 131 -16.72 17.66 -8.67
C SER A 131 -15.92 18.31 -9.79
N VAL A 132 -14.99 19.19 -9.42
CA VAL A 132 -14.13 19.87 -10.37
C VAL A 132 -12.73 19.29 -10.19
N VAL A 133 -12.10 18.86 -11.28
CA VAL A 133 -10.83 18.15 -11.17
C VAL A 133 -9.70 18.92 -11.83
N CYS A 134 -8.64 19.15 -11.08
CA CYS A 134 -7.43 19.76 -11.62
C CYS A 134 -6.37 18.67 -11.73
N LEU A 135 -5.74 18.54 -12.90
CA LEU A 135 -4.80 17.47 -13.17
C LEU A 135 -3.41 18.03 -13.42
N LEU A 136 -2.42 17.53 -12.68
CA LEU A 136 -1.02 17.86 -12.91
C LEU A 136 -0.31 16.61 -13.41
N ASN A 137 0.14 16.61 -14.66
CA ASN A 137 0.68 15.37 -15.21
C ASN A 137 2.18 15.39 -15.38
N ASN A 138 2.82 14.30 -14.94
CA ASN A 138 4.20 13.97 -15.26
C ASN A 138 5.22 15.04 -14.86
N PHE A 139 5.30 15.30 -13.56
CA PHE A 139 6.22 16.32 -13.05
C PHE A 139 7.20 15.73 -12.06
N TYR A 140 8.26 16.50 -11.78
CA TYR A 140 9.25 16.13 -10.79
C TYR A 140 9.97 17.39 -10.34
N PRO A 141 10.23 17.56 -9.03
CA PRO A 141 9.97 16.65 -7.91
C PRO A 141 8.50 16.64 -7.48
N ARG A 142 8.20 15.91 -6.42
CA ARG A 142 6.82 15.68 -6.00
C ARG A 142 6.15 16.93 -5.47
N GLU A 143 6.95 17.82 -4.87
CA GLU A 143 6.39 18.99 -4.20
C GLU A 143 5.66 19.89 -5.18
N ALA A 144 4.43 20.24 -4.86
CA ALA A 144 3.62 21.10 -5.73
C ALA A 144 2.51 21.70 -4.89
N LYS A 145 2.17 22.95 -5.18
CA LYS A 145 1.11 23.63 -4.46
C LYS A 145 -0.04 23.86 -5.43
N VAL A 146 -1.22 23.36 -5.07
CA VAL A 146 -2.41 23.54 -5.89
C VAL A 146 -3.44 24.30 -5.10
N GLN A 147 -3.86 25.46 -5.58
CA GLN A 147 -4.88 26.24 -4.91
C GLN A 147 -6.09 26.42 -5.80
N TRP A 148 -7.28 26.33 -5.21
CA TRP A 148 -8.53 26.54 -5.92
C TRP A 148 -9.07 27.94 -5.70
N LYS A 149 -9.58 28.56 -6.76
CA LYS A 149 -10.30 29.81 -6.59
C LYS A 149 -11.64 29.71 -7.29
N VAL A 150 -12.68 30.23 -6.63
CA VAL A 150 -14.02 30.27 -7.20
C VAL A 150 -14.46 31.73 -7.21
N ASP A 151 -14.72 32.25 -8.41
CA ASP A 151 -14.95 33.68 -8.60
C ASP A 151 -13.89 34.49 -7.85
N ASN A 152 -12.65 34.03 -8.00
CA ASN A 152 -11.44 34.65 -7.44
C ASN A 152 -11.33 34.59 -5.91
N ALA A 153 -12.24 33.85 -5.27
CA ALA A 153 -12.16 33.66 -3.83
C ALA A 153 -11.42 32.36 -3.54
N LEU A 154 -10.33 32.46 -2.79
CA LEU A 154 -9.54 31.28 -2.44
C LEU A 154 -10.39 30.29 -1.66
N GLN A 155 -10.32 29.02 -2.05
CA GLN A 155 -11.10 27.97 -1.42
C GLN A 155 -10.29 27.28 -0.36
N SER A 156 -10.94 26.88 0.73
CA SER A 156 -10.26 26.13 1.76
C SER A 156 -11.15 25.03 2.35
N GLY A 157 -10.58 23.85 2.54
CA GLY A 157 -11.27 22.76 3.23
C GLY A 157 -12.21 21.93 2.37
N ASN A 158 -12.28 22.22 1.07
CA ASN A 158 -13.23 21.54 0.21
C ASN A 158 -12.60 20.91 -1.02
N SER A 159 -11.31 20.60 -0.92
CA SER A 159 -10.65 19.84 -1.97
C SER A 159 -9.81 18.73 -1.36
N GLN A 160 -9.54 17.71 -2.15
CA GLN A 160 -8.63 16.64 -1.73
C GLN A 160 -7.66 16.33 -2.85
N GLU A 161 -6.41 16.08 -2.48
CA GLU A 161 -5.36 15.73 -3.45
C GLU A 161 -5.03 14.25 -3.39
N SER A 162 -4.58 13.72 -4.51
CA SER A 162 -4.06 12.36 -4.57
C SER A 162 -2.89 12.35 -5.55
N VAL A 163 -1.80 11.68 -5.17
CA VAL A 163 -0.59 11.63 -6.01
C VAL A 163 -0.16 10.20 -6.30
N THR A 164 0.14 9.91 -7.56
CA THR A 164 0.60 8.58 -7.93
C THR A 164 2.01 8.36 -7.40
N GLU A 165 2.39 7.10 -7.28
CA GLU A 165 3.77 6.72 -7.02
C GLU A 165 4.59 6.99 -8.29
N GLN A 166 5.91 6.98 -8.18
CA GLN A 166 6.76 7.28 -9.36
C GLN A 166 6.46 6.42 -10.57
N ASP A 167 6.41 7.06 -11.74
CA ASP A 167 6.09 6.36 -12.97
C ASP A 167 7.19 5.37 -13.30
N SER A 168 6.82 4.21 -13.84
CA SER A 168 7.81 3.20 -14.16
C SER A 168 8.64 3.58 -15.39
N LYS A 169 8.09 4.40 -16.27
CA LYS A 169 8.78 4.73 -17.51
C LYS A 169 9.65 5.99 -17.38
N ASP A 170 9.23 6.98 -16.59
CA ASP A 170 10.00 8.23 -16.55
C ASP A 170 10.24 8.80 -15.15
N SER A 171 9.88 8.05 -14.11
CA SER A 171 10.13 8.44 -12.73
C SER A 171 9.45 9.74 -12.31
N THR A 172 8.39 10.12 -13.00
CA THR A 172 7.67 11.34 -12.63
C THR A 172 6.47 11.01 -11.76
N TYR A 173 5.82 12.08 -11.30
CA TYR A 173 4.58 12.02 -10.54
C TYR A 173 3.44 12.66 -11.30
N SER A 174 2.22 12.29 -10.92
CA SER A 174 1.05 13.00 -11.41
C SER A 174 0.16 13.23 -10.20
N LEU A 175 -0.66 14.27 -10.26
CA LEU A 175 -1.48 14.62 -9.11
C LEU A 175 -2.86 15.05 -9.58
N SER A 176 -3.87 14.67 -8.81
CA SER A 176 -5.21 15.18 -9.02
C SER A 176 -5.64 16.00 -7.82
N SER A 177 -6.29 17.12 -8.07
CA SER A 177 -6.94 17.85 -6.98
C SER A 177 -8.41 17.94 -7.32
N THR A 178 -9.27 17.53 -6.40
CA THR A 178 -10.70 17.52 -6.66
C THR A 178 -11.42 18.48 -5.73
N LEU A 179 -12.09 19.46 -6.31
CA LEU A 179 -12.92 20.41 -5.58
C LEU A 179 -14.36 19.91 -5.55
N THR A 180 -14.94 19.77 -4.36
CA THR A 180 -16.32 19.28 -4.26
C THR A 180 -17.24 20.38 -3.74
N LEU A 181 -18.29 20.66 -4.50
CA LEU A 181 -19.31 21.63 -4.11
C LEU A 181 -20.70 21.02 -4.30
N SER A 182 -21.71 21.59 -3.66
CA SER A 182 -23.07 21.26 -4.00
C SER A 182 -23.35 21.75 -5.42
N LYS A 183 -24.31 21.13 -6.09
CA LYS A 183 -24.76 21.62 -7.39
C LYS A 183 -25.22 23.08 -7.28
N ALA A 184 -25.98 23.39 -6.22
CA ALA A 184 -26.46 24.75 -6.00
C ALA A 184 -25.32 25.76 -5.88
N ASP A 185 -24.27 25.41 -5.14
CA ASP A 185 -23.12 26.29 -5.04
C ASP A 185 -22.43 26.42 -6.41
N TYR A 186 -22.26 25.30 -7.11
CA TYR A 186 -21.60 25.33 -8.41
C TYR A 186 -22.33 26.26 -9.40
N GLU A 187 -23.66 26.18 -9.41
CA GLU A 187 -24.46 26.94 -10.36
C GLU A 187 -24.54 28.41 -9.99
N LYS A 188 -24.08 28.74 -8.79
CA LYS A 188 -24.13 30.11 -8.28
C LYS A 188 -22.90 30.91 -8.67
N HIS A 189 -21.81 30.23 -8.99
CA HIS A 189 -20.56 30.92 -9.34
C HIS A 189 -20.13 30.68 -10.78
N LYS A 190 -19.19 31.49 -11.27
CA LYS A 190 -18.87 31.49 -12.70
C LYS A 190 -17.47 30.98 -13.01
N VAL A 191 -16.47 31.48 -12.30
CA VAL A 191 -15.09 31.20 -12.65
C VAL A 191 -14.44 30.19 -11.72
N TYR A 192 -13.98 29.09 -12.31
CA TYR A 192 -13.32 28.03 -11.55
C TYR A 192 -11.89 27.92 -11.97
N ALA A 193 -10.97 28.06 -11.01
CA ALA A 193 -9.56 28.18 -11.33
C ALA A 193 -8.69 27.38 -10.39
N CYS A 194 -7.74 26.66 -10.97
CA CYS A 194 -6.71 25.92 -10.26
CA CYS A 194 -6.72 26.01 -10.13
C CYS A 194 -5.36 26.59 -10.49
N GLU A 195 -4.68 27.04 -9.44
CA GLU A 195 -3.36 27.65 -9.60
C GLU A 195 -2.29 26.69 -9.10
N VAL A 196 -1.32 26.43 -9.96
CA VAL A 196 -0.27 25.44 -9.68
C VAL A 196 1.08 26.11 -9.50
N THR A 197 1.72 25.83 -8.36
CA THR A 197 3.09 26.29 -8.14
C THR A 197 4.00 25.08 -8.10
N HIS A 198 5.03 25.09 -8.92
CA HIS A 198 5.98 23.97 -8.98
C HIS A 198 7.35 24.48 -9.39
N GLN A 199 8.41 23.87 -8.85
CA GLN A 199 9.78 24.28 -9.11
C GLN A 199 10.13 24.39 -10.60
N GLY A 200 9.53 23.55 -11.44
CA GLY A 200 9.84 23.55 -12.85
C GLY A 200 9.20 24.70 -13.63
N LEU A 201 8.26 25.39 -12.99
CA LEU A 201 7.56 26.52 -13.64
C LEU A 201 8.21 27.86 -13.29
N SER A 202 8.35 28.78 -14.23
CA SER A 202 9.06 30.02 -13.91
C SER A 202 8.17 30.94 -13.06
N SER A 203 6.86 30.72 -13.10
CA SER A 203 5.92 31.39 -12.18
C SER A 203 4.64 30.54 -12.15
N PRO A 204 3.77 30.76 -11.14
CA PRO A 204 2.59 29.89 -11.03
C PRO A 204 1.69 29.88 -12.27
N VAL A 205 1.07 28.72 -12.53
CA VAL A 205 0.22 28.56 -13.69
C VAL A 205 -1.23 28.40 -13.25
N THR A 206 -2.13 29.18 -13.86
CA THR A 206 -3.54 29.09 -13.54
C THR A 206 -4.29 28.51 -14.72
N LYS A 207 -5.04 27.44 -14.48
CA LYS A 207 -5.90 26.84 -15.50
C LYS A 207 -7.33 27.06 -15.02
N SER A 208 -8.18 27.63 -15.87
CA SER A 208 -9.54 27.91 -15.42
C SER A 208 -10.58 27.73 -16.51
N PHE A 209 -11.84 27.73 -16.10
CA PHE A 209 -12.95 27.78 -17.04
C PHE A 209 -14.08 28.58 -16.45
N ASN A 210 -14.95 29.08 -17.33
CA ASN A 210 -16.22 29.69 -16.95
C ASN A 210 -17.30 28.61 -17.05
N ARG A 211 -18.06 28.43 -15.98
CA ARG A 211 -19.20 27.50 -16.01
C ARG A 211 -20.11 27.82 -17.17
N GLY A 212 -20.46 26.82 -17.99
CA GLY A 212 -21.34 27.07 -19.11
C GLY A 212 -20.62 27.21 -20.44
N GLU A 213 -19.34 27.57 -20.40
N GLU A 213 -19.33 27.51 -20.40
CA GLU A 213 -18.59 27.71 -21.63
CA GLU A 213 -18.53 27.47 -21.63
C GLU A 213 -18.23 26.31 -22.10
C GLU A 213 -18.52 26.02 -22.11
N CYS A 214 -18.23 26.13 -23.41
N CYS A 214 -18.26 25.79 -23.39
CA CYS A 214 -18.14 24.80 -23.98
CA CYS A 214 -18.21 24.40 -23.82
C CYS A 214 -16.75 24.18 -23.81
C CYS A 214 -16.79 23.85 -23.76
N GLU B 1 4.96 -23.90 -11.98
CA GLU B 1 5.02 -22.62 -11.29
C GLU B 1 4.36 -22.69 -9.93
N VAL B 2 5.04 -22.22 -8.89
CA VAL B 2 4.44 -22.15 -7.57
C VAL B 2 3.45 -20.99 -7.55
N GLN B 3 2.27 -21.21 -6.98
CA GLN B 3 1.33 -20.12 -6.80
C GLN B 3 0.50 -20.31 -5.53
N LEU B 4 0.18 -19.20 -4.86
CA LEU B 4 -0.73 -19.15 -3.74
C LEU B 4 -1.82 -18.13 -4.05
N VAL B 5 -3.08 -18.49 -3.85
CA VAL B 5 -4.17 -17.56 -4.13
C VAL B 5 -5.11 -17.46 -2.94
N GLU B 6 -5.15 -16.28 -2.31
CA GLU B 6 -6.06 -16.05 -1.19
C GLU B 6 -7.43 -15.67 -1.70
N SER B 7 -8.45 -16.09 -0.96
CA SER B 7 -9.80 -15.62 -1.25
C SER B 7 -10.58 -15.49 0.04
N GLY B 8 -11.73 -14.84 -0.04
CA GLY B 8 -12.63 -14.74 1.09
C GLY B 8 -12.65 -13.42 1.83
N GLY B 9 -11.72 -12.52 1.53
CA GLY B 9 -11.66 -11.25 2.21
C GLY B 9 -12.85 -10.38 1.82
N GLY B 10 -13.36 -9.60 2.77
CA GLY B 10 -14.48 -8.72 2.50
C GLY B 10 -14.82 -7.83 3.69
N LEU B 11 -15.91 -7.08 3.55
CA LEU B 11 -16.44 -6.27 4.65
C LEU B 11 -17.07 -7.15 5.72
N VAL B 12 -16.76 -6.89 6.99
CA VAL B 12 -17.37 -7.66 8.08
C VAL B 12 -17.60 -6.70 9.23
N GLN B 13 -18.69 -6.85 9.99
CA GLN B 13 -18.93 -5.96 11.12
C GLN B 13 -17.97 -6.29 12.28
N PRO B 14 -17.63 -5.29 13.11
CA PRO B 14 -16.90 -5.56 14.35
C PRO B 14 -17.62 -6.67 15.14
N GLY B 15 -16.87 -7.62 15.68
CA GLY B 15 -17.47 -8.74 16.39
C GLY B 15 -17.87 -9.86 15.45
N GLY B 16 -17.79 -9.61 14.15
CA GLY B 16 -18.20 -10.60 13.16
C GLY B 16 -17.18 -11.69 12.87
N SER B 17 -17.53 -12.57 11.94
CA SER B 17 -16.68 -13.70 11.53
C SER B 17 -16.47 -13.75 10.01
N LEU B 18 -15.30 -14.19 9.60
CA LEU B 18 -14.95 -14.35 8.18
C LEU B 18 -14.02 -15.56 8.06
N ARG B 19 -14.04 -16.25 6.92
CA ARG B 19 -13.11 -17.35 6.70
C ARG B 19 -12.34 -17.12 5.42
N LEU B 20 -11.01 -17.07 5.51
CA LEU B 20 -10.17 -16.96 4.33
C LEU B 20 -9.66 -18.33 3.86
N SER B 21 -9.40 -18.44 2.56
N SER B 21 -9.40 -18.44 2.56
N SER B 21 -9.41 -18.45 2.56
CA SER B 21 -8.81 -19.64 1.99
CA SER B 21 -8.81 -19.64 1.99
CA SER B 21 -8.80 -19.65 2.02
C SER B 21 -7.50 -19.28 1.29
C SER B 21 -7.50 -19.28 1.29
C SER B 21 -7.52 -19.29 1.29
N CYS B 22 -6.59 -20.25 1.22
CA CYS B 22 -5.32 -20.06 0.53
C CYS B 22 -5.10 -21.30 -0.33
N ALA B 23 -5.37 -21.19 -1.62
CA ALA B 23 -5.25 -22.33 -2.54
C ALA B 23 -3.85 -22.38 -3.12
N ALA B 24 -3.13 -23.48 -2.85
CA ALA B 24 -1.77 -23.62 -3.35
C ALA B 24 -1.77 -24.47 -4.61
N SER B 25 -0.86 -24.18 -5.52
CA SER B 25 -0.65 -25.05 -6.67
C SER B 25 0.83 -25.02 -7.05
N GLY B 26 1.28 -26.06 -7.74
CA GLY B 26 2.64 -26.10 -8.25
C GLY B 26 3.61 -26.64 -7.22
N PHE B 27 3.08 -26.98 -6.05
CA PHE B 27 3.82 -27.60 -4.97
C PHE B 27 2.81 -28.16 -3.96
N ASN B 28 3.28 -28.99 -3.04
N ASN B 28 3.29 -29.00 -3.04
CA ASN B 28 2.40 -29.63 -2.07
CA ASN B 28 2.45 -29.64 -2.04
C ASN B 28 2.62 -29.03 -0.69
C ASN B 28 2.64 -28.95 -0.70
N ILE B 29 1.55 -28.51 -0.08
CA ILE B 29 1.67 -27.82 1.22
C ILE B 29 2.13 -28.77 2.34
N LYS B 30 2.06 -30.08 2.09
CA LYS B 30 2.62 -31.05 3.03
C LYS B 30 4.14 -30.94 3.13
N ASP B 31 4.78 -30.27 2.17
CA ASP B 31 6.24 -30.21 2.14
C ASP B 31 6.78 -28.94 2.78
N THR B 32 5.89 -28.02 3.13
CA THR B 32 6.31 -26.70 3.61
C THR B 32 5.55 -26.27 4.85
N TYR B 33 5.97 -25.14 5.42
CA TYR B 33 5.13 -24.39 6.34
C TYR B 33 4.26 -23.46 5.52
N ILE B 34 3.06 -23.20 6.01
CA ILE B 34 2.21 -22.18 5.41
C ILE B 34 1.94 -21.11 6.47
N HIS B 35 2.10 -19.85 6.08
CA HIS B 35 1.88 -18.71 6.99
C HIS B 35 0.78 -17.80 6.51
N TRP B 36 0.13 -17.14 7.46
CA TRP B 36 -0.70 -15.98 7.15
C TRP B 36 0.03 -14.76 7.71
N VAL B 37 0.19 -13.73 6.88
CA VAL B 37 0.85 -12.48 7.27
C VAL B 37 -0.07 -11.36 6.83
N ARG B 38 -0.27 -10.34 7.65
CA ARG B 38 -1.15 -9.24 7.21
C ARG B 38 -0.39 -7.92 7.12
N GLN B 39 -0.98 -6.97 6.42
CA GLN B 39 -0.35 -5.67 6.22
C GLN B 39 -1.38 -4.55 6.31
N SER B 40 -1.09 -3.54 7.13
CA SER B 40 -2.04 -2.50 7.43
C SER B 40 -1.30 -1.18 7.65
N PRO B 41 -2.03 -0.06 7.50
CA PRO B 41 -1.45 1.24 7.85
C PRO B 41 -0.98 1.28 9.29
N GLY B 42 -1.77 0.72 10.19
CA GLY B 42 -1.48 0.83 11.61
C GLY B 42 -0.24 0.08 12.07
N LYS B 43 -0.01 -1.12 11.55
CA LYS B 43 1.07 -1.97 12.04
C LYS B 43 2.02 -2.49 10.98
N GLY B 44 1.80 -2.12 9.72
CA GLY B 44 2.70 -2.57 8.67
C GLY B 44 2.58 -4.08 8.49
N LEU B 45 3.70 -4.75 8.20
CA LEU B 45 3.68 -6.20 8.02
C LEU B 45 3.72 -6.90 9.37
N GLU B 46 2.73 -7.75 9.59
CA GLU B 46 2.51 -8.39 10.88
C GLU B 46 2.20 -9.87 10.69
N TRP B 47 3.05 -10.75 11.23
CA TRP B 47 2.78 -12.19 11.15
C TRP B 47 1.54 -12.56 11.95
N VAL B 48 0.68 -13.41 11.37
CA VAL B 48 -0.57 -13.81 12.03
C VAL B 48 -0.53 -15.23 12.58
N ALA B 49 -0.14 -16.19 11.73
CA ALA B 49 -0.20 -17.59 12.14
C ALA B 49 0.54 -18.47 11.17
N ARG B 50 0.88 -19.68 11.61
CA ARG B 50 1.50 -20.63 10.70
C ARG B 50 1.04 -22.04 11.01
N ILE B 51 1.23 -22.92 10.04
CA ILE B 51 0.88 -24.32 10.23
C ILE B 51 1.87 -25.16 9.44
N TYR B 52 2.17 -26.36 9.97
CA TYR B 52 2.93 -27.36 9.24
C TYR B 52 1.97 -28.51 8.93
N PRO B 53 1.40 -28.50 7.72
CA PRO B 53 0.33 -29.43 7.38
C PRO B 53 0.70 -30.89 7.58
N THR B 54 1.98 -31.26 7.50
CA THR B 54 2.38 -32.64 7.68
C THR B 54 2.05 -33.17 9.08
N ASN B 55 2.21 -32.35 10.11
CA ASN B 55 1.92 -32.83 11.47
C ASN B 55 0.87 -32.00 12.20
N GLY B 56 0.40 -30.94 11.56
CA GLY B 56 -0.68 -30.12 12.09
C GLY B 56 -0.29 -29.12 13.15
N TYR B 57 1.01 -28.97 13.43
CA TYR B 57 1.47 -28.04 14.46
C TYR B 57 1.17 -26.61 14.04
N THR B 58 0.65 -25.82 14.97
CA THR B 58 0.30 -24.43 14.66
C THR B 58 0.89 -23.46 15.68
N ARG B 59 1.09 -22.22 15.25
N ARG B 59 1.07 -22.22 15.25
CA ARG B 59 1.48 -21.13 16.14
CA ARG B 59 1.50 -21.12 16.10
C ARG B 59 0.73 -19.87 15.75
C ARG B 59 0.71 -19.87 15.73
N TYR B 60 0.49 -19.00 16.72
CA TYR B 60 -0.31 -17.79 16.52
C TYR B 60 0.35 -16.56 17.09
N ALA B 61 0.07 -15.41 16.49
CA ALA B 61 0.43 -14.13 17.11
C ALA B 61 -0.43 -13.93 18.35
N ASP B 62 0.15 -13.36 19.41
CA ASP B 62 -0.60 -13.10 20.64
C ASP B 62 -1.88 -12.30 20.41
N SER B 63 -1.87 -11.38 19.46
CA SER B 63 -3.03 -10.49 19.30
C SER B 63 -4.21 -11.18 18.63
N VAL B 64 -4.02 -12.38 18.10
CA VAL B 64 -5.12 -13.07 17.42
C VAL B 64 -5.46 -14.41 18.05
N LYS B 65 -4.63 -14.87 18.99
N LYS B 65 -4.63 -14.87 18.99
CA LYS B 65 -4.83 -16.13 19.68
CA LYS B 65 -4.83 -16.16 19.64
C LYS B 65 -6.25 -16.22 20.27
C LYS B 65 -6.24 -16.23 20.26
N GLY B 66 -6.92 -17.34 20.04
CA GLY B 66 -8.29 -17.52 20.52
C GLY B 66 -9.34 -16.98 19.55
N ARG B 67 -8.97 -15.97 18.77
CA ARG B 67 -9.94 -15.36 17.86
C ARG B 67 -9.82 -15.92 16.45
N PHE B 68 -8.60 -16.26 16.05
CA PHE B 68 -8.33 -16.81 14.72
C PHE B 68 -7.85 -18.25 14.84
N THR B 69 -8.19 -19.09 13.87
CA THR B 69 -7.58 -20.41 13.80
C THR B 69 -7.09 -20.68 12.40
N ILE B 70 -5.92 -21.32 12.31
CA ILE B 70 -5.36 -21.71 11.02
C ILE B 70 -5.55 -23.21 10.87
N SER B 71 -5.79 -23.64 9.66
CA SER B 71 -5.92 -25.07 9.39
C SER B 71 -5.51 -25.34 7.96
N ALA B 72 -5.45 -26.61 7.58
CA ALA B 72 -5.08 -26.99 6.23
C ALA B 72 -5.75 -28.29 5.81
N ASP B 73 -6.20 -28.33 4.57
CA ASP B 73 -6.73 -29.56 3.97
C ASP B 73 -5.77 -29.96 2.88
N THR B 74 -4.94 -30.95 3.15
CA THR B 74 -3.89 -31.32 2.22
C THR B 74 -4.47 -31.97 0.97
N SER B 75 -5.63 -32.62 1.11
CA SER B 75 -6.26 -33.26 -0.04
C SER B 75 -6.74 -32.20 -1.06
N LYS B 76 -6.93 -30.98 -0.60
N LYS B 76 -6.94 -30.98 -0.59
CA LYS B 76 -7.31 -29.88 -1.50
CA LYS B 76 -7.31 -29.87 -1.47
C LYS B 76 -6.15 -28.90 -1.67
C LYS B 76 -6.15 -28.91 -1.69
N ASN B 77 -5.00 -29.21 -1.08
CA ASN B 77 -3.82 -28.34 -1.13
C ASN B 77 -4.16 -26.89 -0.77
N THR B 78 -4.94 -26.73 0.29
CA THR B 78 -5.50 -25.44 0.64
C THR B 78 -5.37 -25.20 2.14
N ALA B 79 -5.05 -23.97 2.52
CA ALA B 79 -5.00 -23.57 3.92
C ALA B 79 -6.11 -22.57 4.19
N TYR B 80 -6.45 -22.36 5.46
CA TYR B 80 -7.59 -21.53 5.85
C TYR B 80 -7.29 -20.69 7.07
N LEU B 81 -7.96 -19.55 7.17
CA LEU B 81 -7.90 -18.75 8.38
C LEU B 81 -9.32 -18.38 8.80
N GLN B 82 -9.77 -18.96 9.91
CA GLN B 82 -11.05 -18.57 10.50
C GLN B 82 -10.80 -17.35 11.35
N MET B 83 -11.62 -16.32 11.15
CA MET B 83 -11.43 -15.05 11.84
C MET B 83 -12.70 -14.68 12.59
N ASN B 84 -12.66 -14.80 13.92
CA ASN B 84 -13.83 -14.44 14.74
C ASN B 84 -13.54 -13.22 15.63
N SER B 85 -14.60 -12.67 16.23
CA SER B 85 -14.47 -11.58 17.19
C SER B 85 -13.62 -10.45 16.60
N LEU B 86 -13.93 -10.13 15.35
CA LEU B 86 -13.11 -9.21 14.58
C LEU B 86 -13.18 -7.77 15.11
N ARG B 87 -12.06 -7.06 14.97
CA ARG B 87 -11.95 -5.72 15.49
C ARG B 87 -11.38 -4.80 14.41
N ALA B 88 -11.51 -3.50 14.60
CA ALA B 88 -11.02 -2.52 13.63
C ALA B 88 -9.56 -2.78 13.29
N GLU B 89 -8.79 -3.19 14.30
CA GLU B 89 -7.36 -3.41 14.15
C GLU B 89 -7.04 -4.59 13.24
N ASP B 90 -8.03 -5.43 12.92
CA ASP B 90 -7.82 -6.58 12.04
C ASP B 90 -7.96 -6.20 10.57
N THR B 91 -8.34 -4.96 10.31
CA THR B 91 -8.48 -4.48 8.94
C THR B 91 -7.11 -4.47 8.27
N ALA B 92 -6.95 -5.26 7.21
CA ALA B 92 -5.62 -5.48 6.64
C ALA B 92 -5.72 -6.27 5.35
N ILE B 93 -4.66 -6.20 4.54
CA ILE B 93 -4.49 -7.20 3.49
C ILE B 93 -3.97 -8.46 4.14
N TYR B 94 -4.62 -9.59 3.87
CA TYR B 94 -4.15 -10.86 4.41
C TYR B 94 -3.47 -11.65 3.30
N TYR B 95 -2.20 -11.95 3.51
CA TYR B 95 -1.47 -12.79 2.58
C TYR B 95 -1.20 -14.16 3.15
N CYS B 96 -1.17 -15.14 2.27
CA CYS B 96 -0.58 -16.42 2.69
CA CYS B 96 -0.66 -16.46 2.57
C CYS B 96 0.76 -16.60 1.97
N SER B 97 1.68 -17.27 2.65
CA SER B 97 3.00 -17.50 2.09
C SER B 97 3.50 -18.90 2.44
N ARG B 98 4.54 -19.37 1.76
CA ARG B 98 5.13 -20.63 2.20
C ARG B 98 6.52 -20.37 2.73
N TRP B 99 7.00 -21.28 3.56
CA TRP B 99 8.32 -21.14 4.17
C TRP B 99 8.93 -22.54 4.22
N GLY B 100 10.21 -22.65 3.86
CA GLY B 100 10.86 -23.95 3.83
C GLY B 100 10.69 -24.68 2.50
N GLY B 101 10.10 -23.99 1.53
CA GLY B 101 9.90 -24.56 0.22
C GLY B 101 11.20 -24.71 -0.55
N ASP B 102 11.46 -25.90 -1.06
CA ASP B 102 12.71 -26.20 -1.78
C ASP B 102 13.94 -25.92 -0.92
N GLY B 103 13.77 -25.98 0.40
CA GLY B 103 14.87 -25.79 1.32
C GLY B 103 15.22 -24.33 1.58
N PHE B 104 14.42 -23.41 1.02
CA PHE B 104 14.64 -21.99 1.25
C PHE B 104 13.97 -21.53 2.54
N TYR B 105 14.79 -21.12 3.50
CA TYR B 105 14.29 -20.70 4.81
C TYR B 105 13.91 -19.23 4.83
N ALA B 106 12.89 -18.91 4.04
CA ALA B 106 12.29 -17.59 4.01
C ALA B 106 10.94 -17.71 3.31
N MET B 107 10.09 -16.69 3.42
CA MET B 107 8.81 -16.70 2.70
C MET B 107 9.03 -16.36 1.22
N ASP B 108 9.15 -17.37 0.36
CA ASP B 108 9.62 -17.13 -1.01
C ASP B 108 8.52 -16.98 -2.06
N TYR B 109 7.29 -17.33 -1.69
CA TYR B 109 6.13 -17.07 -2.53
C TYR B 109 5.03 -16.53 -1.62
N TRP B 110 4.42 -15.43 -2.05
CA TRP B 110 3.29 -14.81 -1.35
C TRP B 110 2.16 -14.69 -2.35
N GLY B 111 0.92 -14.83 -1.89
CA GLY B 111 -0.23 -14.66 -2.77
C GLY B 111 -0.46 -13.19 -3.09
N GLN B 112 -1.52 -12.91 -3.83
CA GLN B 112 -1.81 -11.54 -4.23
C GLN B 112 -2.38 -10.78 -3.03
N GLY B 113 -2.89 -11.51 -2.04
CA GLY B 113 -3.45 -10.90 -0.85
C GLY B 113 -4.95 -10.64 -0.98
N THR B 114 -5.68 -10.76 0.13
CA THR B 114 -7.12 -10.45 0.14
C THR B 114 -7.41 -9.44 1.26
N LEU B 115 -8.18 -8.40 0.93
CA LEU B 115 -8.45 -7.32 1.88
C LEU B 115 -9.63 -7.63 2.79
N VAL B 116 -9.40 -7.50 4.09
CA VAL B 116 -10.45 -7.63 5.10
C VAL B 116 -10.72 -6.26 5.70
N THR B 117 -11.99 -5.84 5.63
CA THR B 117 -12.39 -4.53 6.15
C THR B 117 -13.37 -4.71 7.29
N VAL B 118 -12.95 -4.32 8.49
CA VAL B 118 -13.84 -4.43 9.66
C VAL B 118 -14.47 -3.06 9.95
N SER B 119 -15.76 -2.97 9.72
CA SER B 119 -16.49 -1.71 9.74
C SER B 119 -17.98 -1.96 9.86
N SER B 120 -18.69 -1.04 10.49
CA SER B 120 -20.15 -1.16 10.58
CA SER B 120 -20.15 -1.14 10.59
C SER B 120 -20.82 -0.44 9.42
N ALA B 121 -20.02 0.21 8.59
CA ALA B 121 -20.59 0.96 7.46
C ALA B 121 -21.10 0.00 6.40
N SER B 122 -22.00 0.47 5.54
CA SER B 122 -22.61 -0.43 4.57
C SER B 122 -22.01 -0.30 3.16
N THR B 123 -22.15 -1.37 2.40
CA THR B 123 -21.64 -1.42 1.03
C THR B 123 -22.32 -0.39 0.17
N LYS B 124 -21.57 0.31 -0.67
CA LYS B 124 -22.15 1.27 -1.60
C LYS B 124 -21.36 1.23 -2.90
N GLY B 125 -22.07 1.03 -4.01
CA GLY B 125 -21.42 1.03 -5.31
C GLY B 125 -21.11 2.44 -5.79
N PRO B 126 -20.05 2.58 -6.60
CA PRO B 126 -19.62 3.90 -7.08
C PRO B 126 -20.52 4.48 -8.17
N SER B 127 -20.50 5.80 -8.30
CA SER B 127 -20.97 6.47 -9.50
C SER B 127 -19.74 6.74 -10.36
N VAL B 128 -19.88 6.50 -11.66
CA VAL B 128 -18.76 6.67 -12.58
C VAL B 128 -19.09 7.79 -13.55
N PHE B 129 -18.32 8.87 -13.48
CA PHE B 129 -18.56 10.02 -14.32
C PHE B 129 -17.40 10.24 -15.27
N PRO B 130 -17.71 10.69 -16.48
CA PRO B 130 -16.60 10.92 -17.41
C PRO B 130 -15.82 12.19 -17.07
N LEU B 131 -14.53 12.17 -17.38
CA LEU B 131 -13.72 13.37 -17.43
C LEU B 131 -13.44 13.61 -18.91
N ALA B 132 -14.34 14.35 -19.55
CA ALA B 132 -14.31 14.48 -21.00
C ALA B 132 -13.11 15.30 -21.45
N PRO B 133 -12.46 14.86 -22.55
CA PRO B 133 -11.36 15.67 -23.10
C PRO B 133 -11.95 16.96 -23.63
N SER B 134 -11.19 18.05 -23.56
CA SER B 134 -11.71 19.34 -23.99
C SER B 134 -10.56 20.25 -24.34
N SER B 135 -10.87 21.48 -24.71
CA SER B 135 -9.85 22.48 -25.02
C SER B 135 -9.01 22.81 -23.79
N LYS B 136 -9.51 22.42 -22.62
CA LYS B 136 -8.84 22.68 -21.35
C LYS B 136 -8.09 21.46 -20.84
N SER B 137 -8.06 20.38 -21.61
CA SER B 137 -7.32 19.19 -21.21
C SER B 137 -6.33 18.76 -22.29
N THR B 138 -5.93 19.69 -23.14
CA THR B 138 -5.01 19.34 -24.23
C THR B 138 -3.84 20.33 -24.33
N SER B 139 -2.67 19.81 -24.65
CA SER B 139 -1.54 20.66 -25.05
C SER B 139 -0.52 19.82 -25.79
N GLY B 140 0.24 20.47 -26.66
CA GLY B 140 1.33 19.81 -27.35
C GLY B 140 0.87 18.70 -28.29
N GLY B 141 -0.42 18.69 -28.61
CA GLY B 141 -0.97 17.72 -29.52
C GLY B 141 -1.44 16.44 -28.84
N THR B 142 -1.44 16.42 -27.51
CA THR B 142 -2.00 15.28 -26.79
C THR B 142 -3.10 15.77 -25.85
N ALA B 143 -3.99 14.87 -25.49
CA ALA B 143 -5.16 15.25 -24.72
C ALA B 143 -5.37 14.27 -23.57
N ALA B 144 -5.88 14.81 -22.46
CA ALA B 144 -6.19 13.99 -21.30
C ALA B 144 -7.70 13.81 -21.15
N LEU B 145 -8.09 12.61 -20.74
CA LEU B 145 -9.48 12.31 -20.45
C LEU B 145 -9.48 11.30 -19.34
N GLY B 146 -10.64 11.02 -18.76
CA GLY B 146 -10.66 10.04 -17.69
C GLY B 146 -12.01 9.70 -17.14
N CYS B 147 -12.01 9.02 -16.00
CA CYS B 147 -13.23 8.68 -15.30
C CYS B 147 -13.11 8.98 -13.82
N LEU B 148 -14.14 9.59 -13.26
CA LEU B 148 -14.23 9.81 -11.83
C LEU B 148 -15.09 8.72 -11.19
N VAL B 149 -14.47 7.96 -10.28
CA VAL B 149 -15.12 6.83 -9.63
C VAL B 149 -15.43 7.27 -8.21
N LYS B 150 -16.66 7.73 -7.98
N LYS B 150 -16.65 7.73 -7.98
CA LYS B 150 -16.96 8.47 -6.76
CA LYS B 150 -16.96 8.47 -6.76
C LYS B 150 -17.95 7.76 -5.83
C LYS B 150 -17.95 7.76 -5.83
N ASP B 151 -17.68 7.87 -4.53
CA ASP B 151 -18.60 7.44 -3.47
C ASP B 151 -18.86 5.95 -3.38
N TYR B 152 -17.80 5.19 -3.13
CA TYR B 152 -17.99 3.74 -2.95
C TYR B 152 -17.45 3.26 -1.61
N PHE B 153 -17.95 2.11 -1.17
CA PHE B 153 -17.46 1.48 0.06
C PHE B 153 -17.85 0.01 0.00
N PRO B 154 -16.97 -0.90 0.44
CA PRO B 154 -15.58 -0.70 0.86
C PRO B 154 -14.66 -0.78 -0.35
N GLU B 155 -13.36 -0.71 -0.10
CA GLU B 155 -12.37 -1.11 -1.10
C GLU B 155 -12.60 -2.61 -1.33
N PRO B 156 -12.16 -3.15 -2.49
CA PRO B 156 -11.45 -2.51 -3.60
C PRO B 156 -12.33 -2.20 -4.80
N VAL B 157 -11.82 -1.35 -5.69
CA VAL B 157 -12.34 -1.25 -7.05
C VAL B 157 -11.21 -1.51 -8.01
N THR B 158 -11.54 -1.86 -9.25
CA THR B 158 -10.52 -1.93 -10.29
C THR B 158 -10.93 -1.02 -11.44
N VAL B 159 -9.94 -0.46 -12.11
CA VAL B 159 -10.18 0.41 -13.28
C VAL B 159 -9.20 0.01 -14.37
N SER B 160 -9.73 -0.25 -15.56
CA SER B 160 -8.91 -0.46 -16.73
C SER B 160 -9.45 0.39 -17.87
N TRP B 161 -8.69 0.48 -18.95
CA TRP B 161 -9.10 1.22 -20.14
C TRP B 161 -9.15 0.31 -21.34
N ASN B 162 -10.22 0.42 -22.12
CA ASN B 162 -10.42 -0.43 -23.29
C ASN B 162 -10.11 -1.90 -23.02
N SER B 163 -10.66 -2.39 -21.91
CA SER B 163 -10.55 -3.80 -21.51
C SER B 163 -9.10 -4.23 -21.32
N GLY B 164 -8.27 -3.29 -20.89
CA GLY B 164 -6.87 -3.57 -20.64
C GLY B 164 -5.95 -3.42 -21.84
N ALA B 165 -6.51 -3.11 -23.01
CA ALA B 165 -5.70 -2.91 -24.21
C ALA B 165 -4.94 -1.59 -24.15
N LEU B 166 -5.46 -0.64 -23.37
CA LEU B 166 -4.84 0.68 -23.26
C LEU B 166 -4.21 0.81 -21.89
N THR B 167 -2.88 0.88 -21.86
CA THR B 167 -2.15 0.99 -20.60
C THR B 167 -1.16 2.15 -20.61
N SER B 168 -0.60 2.44 -21.78
CA SER B 168 0.34 3.55 -21.91
C SER B 168 -0.31 4.90 -21.59
N GLY B 169 0.33 5.68 -20.74
CA GLY B 169 -0.13 7.01 -20.43
C GLY B 169 -1.29 7.07 -19.44
N VAL B 170 -1.61 5.92 -18.83
CA VAL B 170 -2.66 5.85 -17.84
C VAL B 170 -2.13 6.22 -16.47
N HIS B 171 -2.86 7.09 -15.75
CA HIS B 171 -2.61 7.32 -14.33
C HIS B 171 -3.87 7.11 -13.52
N THR B 172 -3.92 6.04 -12.75
CA THR B 172 -5.03 5.82 -11.85
C THR B 172 -4.62 6.24 -10.45
N PHE B 173 -5.28 7.26 -9.92
CA PHE B 173 -4.84 7.89 -8.68
C PHE B 173 -5.23 7.07 -7.48
N PRO B 174 -4.41 7.13 -6.41
CA PRO B 174 -4.75 6.44 -5.16
C PRO B 174 -6.12 6.88 -4.66
N ALA B 175 -6.87 5.93 -4.12
CA ALA B 175 -8.18 6.22 -3.56
C ALA B 175 -8.02 7.12 -2.35
N VAL B 176 -8.92 8.07 -2.21
CA VAL B 176 -8.95 8.92 -1.04
C VAL B 176 -10.26 8.71 -0.30
N LEU B 177 -10.21 8.73 1.02
CA LEU B 177 -11.39 8.64 1.85
C LEU B 177 -11.98 10.04 2.01
N GLN B 178 -13.22 10.21 1.57
CA GLN B 178 -13.92 11.48 1.73
C GLN B 178 -14.48 11.60 3.16
N SER B 179 -14.87 12.80 3.56
CA SER B 179 -15.38 13.05 4.90
C SER B 179 -16.64 12.24 5.17
N SER B 180 -17.33 11.91 4.09
CA SER B 180 -18.54 11.09 4.13
C SER B 180 -18.26 9.66 4.56
N GLY B 181 -17.00 9.25 4.51
CA GLY B 181 -16.67 7.87 4.82
C GLY B 181 -16.69 6.99 3.58
N LEU B 182 -16.89 7.61 2.42
CA LEU B 182 -16.85 6.91 1.14
C LEU B 182 -15.57 7.23 0.36
N TYR B 183 -15.12 6.26 -0.42
CA TYR B 183 -13.92 6.43 -1.22
C TYR B 183 -14.21 7.07 -2.56
N SER B 184 -13.17 7.64 -3.14
CA SER B 184 -13.27 8.21 -4.47
C SER B 184 -11.90 8.22 -5.11
N LEU B 185 -11.86 8.02 -6.43
CA LEU B 185 -10.62 8.18 -7.18
C LEU B 185 -10.93 8.56 -8.61
N SER B 186 -9.92 9.12 -9.28
CA SER B 186 -10.00 9.34 -10.71
C SER B 186 -8.94 8.50 -11.43
N SER B 187 -9.23 8.11 -12.66
CA SER B 187 -8.25 7.51 -13.54
C SER B 187 -8.22 8.34 -14.82
N VAL B 188 -7.02 8.73 -15.26
CA VAL B 188 -6.91 9.53 -16.47
C VAL B 188 -5.96 8.87 -17.45
N VAL B 189 -6.09 9.25 -18.72
CA VAL B 189 -5.17 8.73 -19.71
C VAL B 189 -4.90 9.84 -20.71
N THR B 190 -3.65 9.93 -21.15
CA THR B 190 -3.25 10.91 -22.16
CA THR B 190 -3.29 10.91 -22.17
C THR B 190 -3.10 10.23 -23.51
N VAL B 191 -3.75 10.79 -24.53
CA VAL B 191 -3.77 10.19 -25.87
C VAL B 191 -3.53 11.25 -26.94
N PRO B 192 -3.24 10.84 -28.18
CA PRO B 192 -3.09 11.86 -29.22
C PRO B 192 -4.37 12.66 -29.41
N SER B 193 -4.27 13.98 -29.56
CA SER B 193 -5.44 14.81 -29.83
C SER B 193 -6.17 14.34 -31.08
N SER B 194 -5.41 13.92 -32.09
CA SER B 194 -5.99 13.52 -33.37
C SER B 194 -6.84 12.24 -33.27
N SER B 195 -6.68 11.50 -32.18
CA SER B 195 -7.39 10.23 -31.99
C SER B 195 -8.79 10.46 -31.41
N LEU B 196 -9.06 11.66 -30.91
CA LEU B 196 -10.35 11.92 -30.29
C LEU B 196 -11.42 11.90 -31.35
N GLY B 197 -12.42 11.04 -31.19
CA GLY B 197 -13.50 10.95 -32.15
C GLY B 197 -13.36 9.78 -33.10
N THR B 198 -12.15 9.25 -33.23
CA THR B 198 -11.95 8.09 -34.09
C THR B 198 -11.68 6.84 -33.26
N GLN B 199 -10.93 7.01 -32.19
CA GLN B 199 -10.64 5.91 -31.27
C GLN B 199 -11.61 5.93 -30.08
N THR B 200 -12.26 4.81 -29.84
CA THR B 200 -13.13 4.71 -28.67
C THR B 200 -12.30 4.58 -27.40
N TYR B 201 -12.68 5.34 -26.37
CA TYR B 201 -12.06 5.26 -25.05
C TYR B 201 -13.12 4.92 -24.01
N ILE B 202 -12.95 3.78 -23.34
CA ILE B 202 -13.90 3.32 -22.34
C ILE B 202 -13.14 2.95 -21.07
N CYS B 203 -13.59 3.45 -19.92
CA CYS B 203 -13.01 2.99 -18.66
C CYS B 203 -13.87 1.86 -18.08
N ASN B 204 -13.22 0.74 -17.75
CA ASN B 204 -13.91 -0.42 -17.20
C ASN B 204 -13.76 -0.42 -15.69
N VAL B 205 -14.86 -0.19 -15.00
CA VAL B 205 -14.83 -0.06 -13.54
C VAL B 205 -15.56 -1.23 -12.91
N ASN B 206 -14.91 -1.88 -11.97
CA ASN B 206 -15.56 -2.99 -11.27
CA ASN B 206 -15.54 -3.00 -11.27
C ASN B 206 -15.44 -2.80 -9.77
N HIS B 207 -16.57 -2.89 -9.09
CA HIS B 207 -16.62 -2.83 -7.63
C HIS B 207 -17.32 -4.10 -7.19
N LYS B 208 -16.56 -5.17 -7.06
CA LYS B 208 -17.10 -6.48 -6.71
C LYS B 208 -17.93 -6.50 -5.43
N PRO B 209 -17.53 -5.74 -4.38
CA PRO B 209 -18.35 -5.82 -3.16
C PRO B 209 -19.81 -5.40 -3.35
N SER B 210 -20.09 -4.54 -4.32
CA SER B 210 -21.48 -4.15 -4.60
C SER B 210 -22.02 -4.76 -5.89
N ASN B 211 -21.22 -5.65 -6.49
CA ASN B 211 -21.53 -6.25 -7.78
C ASN B 211 -21.76 -5.20 -8.86
N THR B 212 -21.04 -4.10 -8.75
CA THR B 212 -21.16 -3.01 -9.71
C THR B 212 -20.10 -3.12 -10.79
N LYS B 213 -20.54 -3.33 -12.03
CA LYS B 213 -19.65 -3.30 -13.17
CA LYS B 213 -19.66 -3.32 -13.18
C LYS B 213 -20.13 -2.29 -14.20
N VAL B 214 -19.30 -1.29 -14.45
CA VAL B 214 -19.62 -0.20 -15.38
C VAL B 214 -18.54 -0.05 -16.44
N ASP B 215 -18.96 0.07 -17.69
CA ASP B 215 -18.06 0.42 -18.78
C ASP B 215 -18.53 1.76 -19.33
N LYS B 216 -17.77 2.82 -19.06
CA LYS B 216 -18.22 4.17 -19.38
C LYS B 216 -17.42 4.71 -20.56
N LYS B 217 -18.11 5.03 -21.64
CA LYS B 217 -17.49 5.60 -22.83
C LYS B 217 -17.26 7.08 -22.57
N VAL B 218 -16.03 7.53 -22.80
CA VAL B 218 -15.68 8.92 -22.53
C VAL B 218 -15.42 9.65 -23.85
N GLU B 219 -16.17 10.70 -24.13
CA GLU B 219 -16.01 11.42 -25.40
C GLU B 219 -15.99 12.93 -25.20
N PRO B 220 -15.50 13.69 -26.20
CA PRO B 220 -15.62 15.14 -26.12
C PRO B 220 -17.09 15.51 -26.01
N LYS B 221 -17.45 16.56 -25.28
CA LYS B 221 -18.87 16.84 -25.10
C LYS B 221 -19.37 17.71 -26.24
N SER B 222 -20.62 17.49 -26.66
CA SER B 222 -21.17 18.23 -27.78
C SER B 222 -21.54 19.64 -27.35
N CYS B 223 -21.20 20.60 -28.20
CA CYS B 223 -21.40 22.00 -27.92
C CYS B 223 -22.67 22.55 -28.56
N SER C 3 8.10 14.27 21.04
CA SER C 3 7.29 14.13 19.82
C SER C 3 8.14 13.56 18.68
N GLU C 4 7.53 13.40 17.52
CA GLU C 4 8.22 12.84 16.36
CA GLU C 4 8.23 12.84 16.37
C GLU C 4 8.70 13.93 15.41
N VAL C 5 9.94 13.82 14.94
CA VAL C 5 10.47 14.77 13.98
C VAL C 5 11.12 14.02 12.84
N THR C 6 11.36 14.73 11.75
CA THR C 6 12.04 14.17 10.61
C THR C 6 13.36 14.89 10.43
N ILE C 7 14.45 14.15 10.48
CA ILE C 7 15.74 14.71 10.16
C ILE C 7 16.06 14.43 8.69
N LYS C 8 16.22 15.49 7.92
CA LYS C 8 16.55 15.36 6.51
C LYS C 8 18.06 15.43 6.33
N VAL C 9 18.59 14.49 5.56
CA VAL C 9 20.03 14.39 5.38
C VAL C 9 20.40 14.44 3.90
N ASN C 10 21.36 15.30 3.59
CA ASN C 10 22.06 15.25 2.32
C ASN C 10 23.30 14.40 2.47
N LEU C 11 23.41 13.39 1.62
CA LEU C 11 24.61 12.55 1.62
C LEU C 11 25.42 12.94 0.42
N ILE C 12 26.57 13.56 0.65
CA ILE C 12 27.40 14.10 -0.42
C ILE C 12 28.67 13.29 -0.56
N PHE C 13 28.80 12.58 -1.68
CA PHE C 13 29.92 11.67 -1.84
C PHE C 13 31.08 12.35 -2.53
N ALA C 14 32.26 11.75 -2.41
CA ALA C 14 33.47 12.37 -2.89
C ALA C 14 33.44 12.69 -4.39
N ASP C 15 32.68 11.91 -5.17
CA ASP C 15 32.62 12.12 -6.62
C ASP C 15 31.51 13.08 -7.03
N GLY C 16 30.94 13.78 -6.07
CA GLY C 16 29.96 14.82 -6.35
C GLY C 16 28.54 14.31 -6.40
N LYS C 17 28.39 13.00 -6.28
CA LYS C 17 27.05 12.42 -6.26
C LYS C 17 26.33 12.74 -4.94
N ILE C 18 25.03 12.97 -5.04
CA ILE C 18 24.25 13.36 -3.88
C ILE C 18 23.04 12.44 -3.73
N GLN C 19 22.85 11.91 -2.52
CA GLN C 19 21.65 11.18 -2.20
C GLN C 19 20.97 11.92 -1.05
N THR C 20 19.69 11.67 -0.85
CA THR C 20 19.03 12.26 0.30
C THR C 20 18.31 11.19 1.10
N ALA C 21 18.23 11.40 2.39
CA ALA C 21 17.59 10.42 3.25
C ALA C 21 16.83 11.13 4.35
N GLU C 22 15.89 10.41 4.96
CA GLU C 22 15.19 10.90 6.11
C GLU C 22 15.19 9.89 7.24
N PHE C 23 15.31 10.40 8.45
CA PHE C 23 15.22 9.60 9.66
C PHE C 23 14.10 10.19 10.51
N LYS C 24 13.27 9.33 11.11
N LYS C 24 13.27 9.33 11.10
CA LYS C 24 12.15 9.82 11.90
CA LYS C 24 12.16 9.81 11.92
C LYS C 24 12.07 9.12 13.27
C LYS C 24 12.18 9.16 13.30
N GLY C 25 11.62 9.84 14.28
CA GLY C 25 11.56 9.34 15.64
C GLY C 25 11.61 10.55 16.53
N THR C 26 11.89 10.38 17.83
CA THR C 26 12.20 11.53 18.65
C THR C 26 13.47 12.15 18.08
N PHE C 27 13.70 13.42 18.39
CA PHE C 27 14.89 14.09 17.90
C PHE C 27 16.15 13.31 18.28
N GLU C 28 16.16 12.78 19.49
CA GLU C 28 17.31 12.00 19.97
C GLU C 28 17.48 10.69 19.21
N GLU C 29 16.39 9.93 19.02
CA GLU C 29 16.46 8.69 18.25
C GLU C 29 16.91 8.95 16.80
N ALA C 30 16.28 9.91 16.14
CA ALA C 30 16.55 10.16 14.71
C ALA C 30 17.99 10.61 14.52
N THR C 31 18.47 11.43 15.46
CA THR C 31 19.86 11.89 15.47
C THR C 31 20.85 10.73 15.51
N ALA C 32 20.69 9.89 16.53
CA ALA C 32 21.49 8.69 16.70
C ALA C 32 21.47 7.81 15.43
N GLU C 33 20.28 7.62 14.85
CA GLU C 33 20.19 6.81 13.64
C GLU C 33 20.97 7.43 12.47
N ALA C 34 20.88 8.74 12.33
CA ALA C 34 21.55 9.42 11.24
C ALA C 34 23.07 9.29 11.37
N TYR C 35 23.59 9.49 12.57
CA TYR C 35 25.03 9.34 12.81
C TYR C 35 25.48 7.88 12.63
N ARG C 36 24.65 6.95 13.07
N ARG C 36 24.64 6.95 13.04
CA ARG C 36 24.91 5.53 12.88
CA ARG C 36 24.94 5.54 12.87
C ARG C 36 25.02 5.19 11.39
C ARG C 36 25.01 5.18 11.38
N TYR C 37 24.09 5.71 10.59
CA TYR C 37 24.06 5.47 9.15
C TYR C 37 25.29 6.09 8.47
N ALA C 38 25.63 7.30 8.89
CA ALA C 38 26.83 7.97 8.37
C ALA C 38 28.08 7.12 8.62
N ALA C 39 28.22 6.61 9.83
CA ALA C 39 29.38 5.79 10.18
C ALA C 39 29.44 4.55 9.32
N LEU C 40 28.28 3.97 9.05
CA LEU C 40 28.23 2.77 8.24
C LEU C 40 28.67 3.08 6.81
N LEU C 41 28.14 4.15 6.23
CA LEU C 41 28.53 4.52 4.86
C LEU C 41 30.01 4.91 4.80
N ALA C 42 30.54 5.43 5.91
CA ALA C 42 31.94 5.83 5.96
C ALA C 42 32.89 4.65 5.71
N LYS C 43 32.47 3.45 6.09
CA LYS C 43 33.33 2.27 5.91
C LYS C 43 33.71 2.07 4.45
N VAL C 44 32.79 2.41 3.56
CA VAL C 44 32.94 2.18 2.13
C VAL C 44 33.27 3.47 1.39
N ASN C 45 32.77 4.59 1.89
CA ASN C 45 32.84 5.86 1.18
C ASN C 45 33.82 6.85 1.76
N GLY C 46 34.53 6.44 2.81
CA GLY C 46 35.52 7.29 3.43
C GLY C 46 34.99 8.04 4.64
N GLU C 47 35.91 8.62 5.39
CA GLU C 47 35.59 9.43 6.57
C GLU C 47 34.50 10.47 6.30
N TYR C 48 33.53 10.56 7.21
CA TYR C 48 32.44 11.51 7.02
C TYR C 48 32.61 12.74 7.90
N THR C 49 32.02 13.86 7.47
CA THR C 49 31.83 15.01 8.35
C THR C 49 30.37 15.40 8.25
N ALA C 50 29.78 15.74 9.39
CA ALA C 50 28.37 16.05 9.45
C ALA C 50 28.16 17.47 9.94
N ASP C 51 27.53 18.28 9.09
CA ASP C 51 27.21 19.66 9.43
C ASP C 51 25.74 19.76 9.77
N LEU C 52 25.42 20.34 10.92
CA LEU C 52 24.02 20.42 11.34
C LEU C 52 23.45 21.82 11.16
N GLU C 53 22.35 21.90 10.44
CA GLU C 53 21.58 23.14 10.32
C GLU C 53 20.18 22.91 10.87
N ASP C 54 19.42 24.00 11.00
CA ASP C 54 18.03 23.92 11.47
C ASP C 54 17.93 23.23 12.83
N GLY C 55 18.70 23.71 13.81
CA GLY C 55 18.68 23.20 15.16
C GLY C 55 19.02 21.71 15.28
N GLY C 56 19.74 21.20 14.28
CA GLY C 56 20.06 19.79 14.22
C GLY C 56 19.08 18.96 13.37
N ASN C 57 18.01 19.58 12.89
CA ASN C 57 16.97 18.86 12.15
C ASN C 57 17.29 18.63 10.67
N HIS C 58 18.37 19.23 10.19
CA HIS C 58 18.87 18.93 8.85
C HIS C 58 20.37 18.71 8.92
N MET C 59 20.86 17.73 8.17
N MET C 59 20.87 17.72 8.19
CA MET C 59 22.29 17.42 8.18
CA MET C 59 22.29 17.44 8.18
C MET C 59 22.85 17.34 6.78
C MET C 59 22.84 17.39 6.76
N ASN C 60 24.05 17.89 6.60
CA ASN C 60 24.81 17.72 5.36
C ASN C 60 25.96 16.80 5.69
N ILE C 61 25.94 15.58 5.16
CA ILE C 61 26.98 14.61 5.47
C ILE C 61 27.85 14.34 4.25
N LYS C 62 29.11 14.77 4.33
CA LYS C 62 30.07 14.60 3.24
C LYS C 62 31.06 13.47 3.56
N PHE C 63 31.36 12.66 2.54
CA PHE C 63 32.31 11.56 2.69
C PHE C 63 33.60 11.83 1.94
N ALA C 64 34.73 11.52 2.57
CA ALA C 64 36.05 11.88 2.05
C ALA C 64 36.48 11.10 0.80
N GLY C 65 35.90 9.92 0.60
CA GLY C 65 36.29 9.07 -0.49
C GLY C 65 37.38 8.09 -0.10
N CYS D 2 6.91 6.48 7.73
CA CYS D 2 6.04 6.47 6.56
C CYS D 2 4.93 5.46 6.74
N GLN D 3 3.79 5.70 6.11
CA GLN D 3 2.60 4.92 6.42
C GLN D 3 2.13 4.15 5.19
N PHE D 4 1.92 2.85 5.38
CA PHE D 4 1.43 1.98 4.33
C PHE D 4 0.02 2.38 3.91
N ASP D 5 -0.24 2.37 2.60
CA ASP D 5 -1.57 2.66 2.05
C ASP D 5 -2.05 1.47 1.25
C 2GX D 6 -3.87 0.13 -0.65
N 2GX D 6 -3.26 1.01 1.54
O 2GX D 6 -3.56 -0.74 -1.46
CA 2GX D 6 -3.84 -0.14 0.82
CB 2GX D 6 -5.29 -0.44 1.27
CG 2GX D 6 -5.98 -1.32 0.27
CZ 2GX D 6 -7.22 -2.92 -1.61
CAE 2GX D 6 -5.77 -2.03 5.27
CAH 2GX D 6 -6.68 -1.13 4.74
CAI 2GX D 6 -4.69 -2.42 4.50
CAL 2GX D 6 -6.53 -0.63 3.46
CAM 2GX D 6 -4.52 -1.90 3.22
CAO 2GX D 6 -5.44 -1.01 2.68
CD1 2GX D 6 -5.75 -2.68 0.24
CD2 2GX D 6 -6.84 -0.76 -0.66
CE1 2GX D 6 -6.38 -3.50 -0.69
CE2 2GX D 6 -7.46 -1.56 -1.61
N SER D 7 -4.26 1.36 -1.03
CA SER D 7 -4.58 1.65 -2.42
C SER D 7 -3.40 1.43 -3.38
N THR D 8 -2.19 1.73 -2.89
CA THR D 8 -0.98 1.65 -3.70
C THR D 8 -0.11 0.45 -3.28
N ARG D 9 -0.37 -0.06 -2.08
CA ARG D 9 0.50 -1.03 -1.42
C ARG D 9 1.91 -0.49 -1.24
N ARG D 10 1.99 0.80 -0.96
CA ARG D 10 3.25 1.49 -0.79
C ARG D 10 3.23 2.34 0.46
N LEU D 11 4.41 2.50 1.05
CA LEU D 11 4.61 3.50 2.09
C LEU D 11 4.41 4.91 1.52
N ARG D 12 3.74 5.77 2.28
CA ARG D 12 3.65 7.18 1.92
C ARG D 12 4.31 8.00 3.03
N CYS D 13 5.28 8.83 2.66
CA CYS D 13 6.01 9.60 3.67
C CYS D 13 5.51 11.03 3.72
N GLY D 14 5.76 11.70 4.84
CA GLY D 14 5.42 13.11 4.98
C GLY D 14 3.96 13.40 5.26
N GLY E 1 -15.22 -35.73 11.92
CA GLY E 1 -14.21 -36.06 12.89
C GLY E 1 -14.76 -36.26 14.29
N SER E 2 -14.11 -37.10 15.07
CA SER E 2 -14.55 -37.41 16.43
C SER E 2 -13.86 -36.51 17.45
N TYR E 3 -14.40 -36.48 18.67
CA TYR E 3 -13.85 -35.62 19.71
C TYR E 3 -13.76 -36.31 21.09
N ASN E 4 -12.82 -35.87 21.91
CA ASN E 4 -12.74 -36.35 23.29
C ASN E 4 -13.69 -35.54 24.15
N LYS E 5 -13.80 -35.90 25.44
CA LYS E 5 -14.82 -35.30 26.29
C LYS E 5 -14.59 -33.81 26.54
N ASP E 6 -13.33 -33.39 26.53
CA ASP E 6 -13.00 -31.98 26.70
C ASP E 6 -13.46 -31.17 25.51
N GLN E 7 -13.18 -31.69 24.32
CA GLN E 7 -13.59 -31.05 23.09
C GLN E 7 -15.09 -30.91 23.00
N GLN E 8 -15.80 -32.00 23.31
CA GLN E 8 -17.26 -31.99 23.30
C GLN E 8 -17.77 -30.94 24.28
N SER E 9 -17.09 -30.80 25.41
CA SER E 9 -17.49 -29.84 26.43
C SER E 9 -17.38 -28.40 25.90
N ALA E 10 -16.29 -28.12 25.21
CA ALA E 10 -16.09 -26.79 24.62
C ALA E 10 -17.18 -26.45 23.60
N PHE E 11 -17.51 -27.40 22.72
CA PHE E 11 -18.62 -27.25 21.78
C PHE E 11 -19.92 -26.90 22.53
N TYR E 12 -20.21 -27.67 23.58
CA TYR E 12 -21.43 -27.49 24.37
C TYR E 12 -21.52 -26.09 24.94
N GLU E 13 -20.42 -25.61 25.51
CA GLU E 13 -20.42 -24.26 26.11
C GLU E 13 -20.74 -23.20 25.05
N ILE E 14 -20.11 -23.27 23.90
CA ILE E 14 -20.35 -22.30 22.83
C ILE E 14 -21.76 -22.42 22.24
N LEU E 15 -22.20 -23.65 22.06
CA LEU E 15 -23.55 -23.89 21.58
C LEU E 15 -24.58 -23.20 22.47
N ASN E 16 -24.34 -23.20 23.78
CA ASN E 16 -25.32 -22.67 24.72
C ASN E 16 -25.25 -21.18 25.02
N MET E 17 -24.21 -20.49 24.56
CA MET E 17 -24.04 -19.07 24.91
C MET E 17 -25.19 -18.23 24.41
N PRO E 18 -25.85 -17.50 25.32
CA PRO E 18 -27.10 -16.84 24.94
C PRO E 18 -26.93 -15.55 24.13
N ASN E 19 -25.76 -14.91 24.18
CA ASN E 19 -25.63 -13.59 23.58
C ASN E 19 -24.86 -13.55 22.28
N LEU E 20 -24.46 -14.72 21.79
CA LEU E 20 -23.86 -14.80 20.47
C LEU E 20 -24.95 -14.84 19.41
N ASN E 21 -24.69 -14.25 18.26
CA ASN E 21 -25.59 -14.47 17.14
C ASN E 21 -25.13 -15.75 16.43
N GLU E 22 -25.87 -16.21 15.44
CA GLU E 22 -25.55 -17.53 14.86
C GLU E 22 -24.31 -17.53 13.98
N ALA E 23 -23.98 -16.38 13.38
CA ALA E 23 -22.74 -16.29 12.62
C ALA E 23 -21.57 -16.45 13.58
N GLN E 24 -21.63 -15.77 14.72
CA GLN E 24 -20.54 -15.87 15.71
C GLN E 24 -20.46 -17.26 16.33
N ARG E 25 -21.61 -17.79 16.73
CA ARG E 25 -21.63 -19.10 17.34
C ARG E 25 -20.99 -20.12 16.42
N ASN E 26 -21.40 -20.13 15.15
CA ASN E 26 -20.83 -21.13 14.25
C ASN E 26 -19.37 -20.84 13.86
N GLY E 27 -18.99 -19.56 13.83
CA GLY E 27 -17.59 -19.21 13.59
C GLY E 27 -16.68 -19.81 14.66
N PHE E 28 -17.10 -19.72 15.92
CA PHE E 28 -16.29 -20.24 17.02
C PHE E 28 -16.30 -21.76 17.03
N ILE E 29 -17.46 -22.34 16.73
CA ILE E 29 -17.52 -23.79 16.61
C ILE E 29 -16.59 -24.25 15.49
N GLN E 30 -16.58 -23.51 14.39
CA GLN E 30 -15.68 -23.86 13.29
C GLN E 30 -14.23 -23.81 13.75
N SER E 31 -13.89 -22.83 14.60
CA SER E 31 -12.52 -22.71 15.10
C SER E 31 -12.12 -23.89 15.96
N LEU E 32 -13.07 -24.39 16.77
CA LEU E 32 -12.80 -25.58 17.58
C LEU E 32 -12.48 -26.77 16.70
N LYS E 33 -13.19 -26.89 15.59
CA LYS E 33 -12.94 -27.97 14.65
C LYS E 33 -11.60 -27.77 13.94
N ASP E 34 -11.34 -26.53 13.54
CA ASP E 34 -10.11 -26.17 12.84
C ASP E 34 -8.85 -26.58 13.60
N ASP E 35 -8.78 -26.22 14.88
CA ASP E 35 -7.54 -26.37 15.64
C ASP E 35 -7.82 -26.74 17.09
N PRO E 36 -7.93 -28.05 17.37
CA PRO E 36 -8.12 -28.59 18.73
C PRO E 36 -7.12 -28.06 19.74
N SER E 37 -5.88 -27.78 19.33
CA SER E 37 -4.86 -27.30 20.26
C SER E 37 -5.23 -25.93 20.84
N GLN E 38 -6.20 -25.25 20.20
CA GLN E 38 -6.59 -23.91 20.60
C GLN E 38 -7.92 -23.85 21.37
N SER E 39 -8.47 -25.01 21.72
CA SER E 39 -9.80 -25.08 22.34
C SER E 39 -9.99 -24.11 23.52
N THR E 40 -9.04 -24.11 24.45
CA THR E 40 -9.11 -23.27 25.63
C THR E 40 -9.11 -21.78 25.27
N ASN E 41 -8.23 -21.39 24.35
CA ASN E 41 -8.16 -20.01 23.91
C ASN E 41 -9.42 -19.59 23.17
N VAL E 42 -9.89 -20.47 22.29
CA VAL E 42 -11.10 -20.19 21.53
C VAL E 42 -12.29 -20.03 22.48
N LEU E 43 -12.38 -20.92 23.46
CA LEU E 43 -13.47 -20.87 24.42
C LEU E 43 -13.44 -19.55 25.20
N GLY E 44 -12.24 -19.10 25.56
CA GLY E 44 -12.08 -17.87 26.33
C GLY E 44 -12.53 -16.64 25.55
N GLU E 45 -12.23 -16.63 24.25
CA GLU E 45 -12.58 -15.50 23.41
C GLU E 45 -14.09 -15.52 23.11
N ALA E 46 -14.66 -16.72 22.98
CA ALA E 46 -16.10 -16.82 22.84
C ALA E 46 -16.79 -16.28 24.09
N LYS E 47 -16.28 -16.66 25.25
CA LYS E 47 -16.82 -16.17 26.51
C LYS E 47 -16.77 -14.65 26.55
N LYS E 48 -15.64 -14.05 26.17
CA LYS E 48 -15.50 -12.59 26.25
C LYS E 48 -16.53 -11.90 25.36
N LEU E 49 -16.72 -12.45 24.17
CA LEU E 49 -17.64 -11.85 23.20
C LEU E 49 -19.08 -11.98 23.68
N ASN E 50 -19.44 -13.17 24.16
CA ASN E 50 -20.73 -13.40 24.79
C ASN E 50 -21.01 -12.43 25.93
N GLU E 51 -20.04 -12.17 26.77
CA GLU E 51 -20.22 -11.26 27.87
C GLU E 51 -20.39 -9.82 27.43
N SER E 52 -19.65 -9.41 26.43
CA SER E 52 -19.72 -8.03 25.97
C SER E 52 -21.05 -7.76 25.27
N GLN E 53 -21.71 -8.81 24.78
CA GLN E 53 -22.99 -8.65 24.08
C GLN E 53 -24.19 -8.91 24.99
N ALA E 54 -23.95 -8.99 26.29
CA ALA E 54 -25.02 -9.20 27.28
C ALA E 54 -25.99 -8.03 27.25
OAB MRY F . -7.42 -2.18 -6.98
CAA MRY F . -7.01 -1.98 -5.61
CAC MRY F . -6.92 -0.49 -5.31
OAD MRY F . -5.92 0.09 -6.15
CAE MRY F . -8.27 0.18 -5.58
OAF MRY F . -9.25 -0.38 -4.70
CAG MRY F . -8.17 1.68 -5.30
OAH MRY F . -7.60 1.91 -3.99
#